data_5MXP
#
_entry.id   5MXP
#
_cell.length_a   43.371
_cell.length_b   78.343
_cell.length_c   150.514
_cell.angle_alpha   90.000
_cell.angle_beta   90.000
_cell.angle_gamma   90.000
#
_symmetry.space_group_name_H-M   'P 21 21 21'
#
loop_
_entity.id
_entity.type
_entity.pdbx_description
1 polymer 'Alpha/beta hydrolase'
2 non-polymer 'ACETATE ION'
3 non-polymer 'SODIUM ION'
4 water water
#
_entity_poly.entity_id   1
_entity_poly.type   'polypeptide(L)'
_entity_poly.pdbx_seq_one_letter_code
;MTTQKPADFPYPSHFADVLGSRMHYVEHGNGDPLLFLHGQPTWSYLWRKVLPELEGKGRLIAVDLIGYGMSDKPDIPYDI
DDHIRYLDGFIEALGLDRITIVCHDWGSFFGFHYAHRHPERIKGLAFMEAMLNPIPGYDAFDPQTRAFFQTLRSSQANAE
RMMMDENQFVENILPAMICRPLERQELDAYRAPWTDRQSRRILCTFPQNLCIGKEPASVYRMQTAYIEWLGQTDLPKLLI
HAEPGFLIPAPAVDQYRQQLPNLETAFVGSGLHYIQEDQPQKIGQAIAQWMDRCGLHHHHHH
;
_entity_poly.pdbx_strand_id   A,B
#
loop_
_chem_comp.id
_chem_comp.type
_chem_comp.name
_chem_comp.formula
ACT non-polymer 'ACETATE ION' 'C2 H3 O2 -1'
NA non-polymer 'SODIUM ION' 'Na 1'
#
# COMPACT_ATOMS: atom_id res chain seq x y z
N THR A 3 16.63 20.13 25.39
CA THR A 3 16.87 19.03 24.44
C THR A 3 17.86 19.41 23.36
N GLN A 4 18.89 18.60 23.14
CA GLN A 4 19.81 18.86 22.01
C GLN A 4 19.19 18.37 20.70
N LYS A 5 19.18 19.22 19.68
CA LYS A 5 18.62 18.85 18.39
C LYS A 5 19.44 17.74 17.71
N PRO A 6 18.79 16.65 17.27
CA PRO A 6 19.52 15.58 16.66
C PRO A 6 20.14 16.01 15.30
N ALA A 7 21.38 15.57 15.03
CA ALA A 7 22.04 15.86 13.77
C ALA A 7 21.35 15.28 12.54
N ASP A 8 20.52 14.24 12.71
CA ASP A 8 19.75 13.61 11.66
C ASP A 8 18.28 14.06 11.53
N PHE A 9 18.03 15.32 11.88
CA PHE A 9 16.68 15.89 11.73
C PHE A 9 16.79 17.15 10.92
N PRO A 10 16.67 17.03 9.59
CA PRO A 10 17.09 18.10 8.68
C PRO A 10 15.98 19.08 8.29
N TYR A 11 15.25 19.56 9.28
CA TYR A 11 14.24 20.55 9.07
C TYR A 11 14.51 21.66 10.08
N PRO A 12 14.19 22.91 9.73
CA PRO A 12 14.51 24.04 10.61
C PRO A 12 13.60 24.15 11.85
N SER A 13 14.21 24.42 13.01
CA SER A 13 13.48 24.61 14.29
C SER A 13 12.94 26.03 14.45
N HIS A 14 11.63 26.06 14.66
CA HIS A 14 10.90 27.27 14.95
C HIS A 14 10.16 27.09 16.29
N PHE A 15 9.77 28.23 16.90
CA PHE A 15 9.04 28.20 18.17
C PHE A 15 7.88 29.17 18.12
N ALA A 16 6.75 28.80 18.73
CA ALA A 16 5.60 29.65 18.89
C ALA A 16 5.43 29.98 20.35
N ASP A 17 5.01 31.19 20.66
CA ASP A 17 4.67 31.54 22.04
C ASP A 17 3.23 31.05 22.34
N VAL A 18 3.06 30.19 23.34
CA VAL A 18 1.79 29.62 23.69
C VAL A 18 1.68 29.63 25.24
N LEU A 19 0.73 30.42 25.77
CA LEU A 19 0.44 30.44 27.20
C LEU A 19 1.65 30.66 28.12
N GLY A 20 2.57 31.53 27.64
CA GLY A 20 3.77 31.90 28.38
C GLY A 20 4.96 30.97 28.24
N SER A 21 4.81 29.92 27.43
CA SER A 21 5.87 29.01 27.06
C SER A 21 6.12 29.02 25.58
N ARG A 22 7.16 28.34 25.16
CA ARG A 22 7.46 28.17 23.74
C ARG A 22 7.22 26.71 23.34
N MET A 23 6.53 26.52 22.21
CA MET A 23 6.38 25.17 21.64
C MET A 23 7.21 25.11 20.37
N HIS A 24 7.94 24.04 20.25
CA HIS A 24 8.77 23.78 19.08
C HIS A 24 8.01 23.13 17.99
N TYR A 25 8.38 23.53 16.74
CA TYR A 25 7.94 22.82 15.52
C TYR A 25 8.95 23.02 14.44
N VAL A 26 8.99 22.00 13.58
CA VAL A 26 9.78 22.12 12.33
C VAL A 26 8.80 22.43 11.20
N GLU A 27 9.34 23.11 10.20
CA GLU A 27 8.53 23.66 9.16
C GLU A 27 9.21 23.52 7.79
N HIS A 28 8.41 23.31 6.76
CA HIS A 28 8.90 23.27 5.39
C HIS A 28 7.84 23.73 4.39
N GLY A 29 8.21 24.61 3.48
CA GLY A 29 7.35 25.00 2.41
C GLY A 29 6.23 26.02 2.74
N ASN A 30 5.31 26.07 1.80
CA ASN A 30 4.27 27.07 1.82
C ASN A 30 2.98 26.42 1.33
N GLY A 31 1.91 27.13 1.64
CA GLY A 31 0.57 26.75 1.21
C GLY A 31 -0.26 26.34 2.38
N ASP A 32 -1.34 25.58 2.13
CA ASP A 32 -2.20 25.12 3.21
C ASP A 32 -1.35 24.19 4.17
N PRO A 33 -1.61 24.22 5.48
CA PRO A 33 -0.80 23.46 6.41
C PRO A 33 -1.14 21.99 6.46
N LEU A 34 -0.09 21.18 6.53
CA LEU A 34 -0.14 19.78 6.89
C LEU A 34 0.48 19.71 8.27
N LEU A 35 -0.42 19.54 9.22
CA LEU A 35 -0.03 19.47 10.66
C LEU A 35 0.18 18.09 11.18
N PHE A 36 1.42 17.79 11.57
CA PHE A 36 1.78 16.44 12.03
C PHE A 36 1.80 16.41 13.56
N LEU A 37 1.04 15.47 14.11
CA LEU A 37 0.87 15.35 15.58
C LEU A 37 1.35 13.98 16.03
N HIS A 38 2.36 14.01 16.91
CA HIS A 38 2.94 12.78 17.56
C HIS A 38 2.20 12.49 18.86
N GLY A 39 2.58 11.35 19.46
CA GLY A 39 2.05 10.89 20.73
C GLY A 39 3.14 10.50 21.69
N GLN A 40 2.85 9.43 22.44
CA GLN A 40 3.66 8.99 23.62
C GLN A 40 4.72 7.98 23.19
N PRO A 41 5.99 8.14 23.58
CA PRO A 41 6.70 9.22 24.22
C PRO A 41 7.59 9.87 23.22
N THR A 42 7.01 10.32 22.12
CA THR A 42 7.81 10.73 20.96
C THR A 42 7.88 12.24 20.84
N TRP A 43 8.20 12.73 19.65
CA TRP A 43 8.17 14.13 19.30
C TRP A 43 8.25 14.23 17.76
N SER A 44 8.39 15.45 17.26
CA SER A 44 8.35 15.69 15.80
C SER A 44 9.40 14.93 15.05
N TYR A 45 10.49 14.52 15.73
CA TYR A 45 11.51 13.67 15.14
C TYR A 45 10.93 12.40 14.51
N LEU A 46 9.87 11.87 15.08
CA LEU A 46 9.18 10.69 14.59
C LEU A 46 8.80 10.81 13.10
N TRP A 47 8.51 12.04 12.65
CA TRP A 47 8.12 12.23 11.30
C TRP A 47 9.25 12.59 10.32
N ARG A 48 10.50 12.55 10.74
CA ARG A 48 11.62 13.06 9.96
C ARG A 48 11.79 12.43 8.58
N LYS A 49 11.44 11.14 8.45
CA LYS A 49 11.56 10.42 7.14
C LYS A 49 10.22 10.36 6.37
N VAL A 50 9.17 10.85 7.03
CA VAL A 50 7.87 10.95 6.40
C VAL A 50 7.79 12.30 5.65
N LEU A 51 8.28 13.38 6.31
CA LEU A 51 8.21 14.69 5.72
C LEU A 51 8.82 14.81 4.32
N PRO A 52 9.91 14.11 4.01
CA PRO A 52 10.48 14.28 2.68
C PRO A 52 9.58 13.87 1.53
N GLU A 53 8.64 12.97 1.81
CA GLU A 53 7.69 12.51 0.80
C GLU A 53 6.63 13.51 0.54
N LEU A 54 6.49 14.49 1.45
CA LEU A 54 5.40 15.49 1.35
C LEU A 54 5.90 16.90 1.07
N GLU A 55 7.20 17.07 0.89
CA GLU A 55 7.76 18.35 0.51
C GLU A 55 7.17 18.80 -0.82
N GLY A 56 6.73 20.03 -0.80
CA GLY A 56 6.09 20.59 -1.97
C GLY A 56 4.62 20.36 -2.05
N LYS A 57 4.02 19.61 -1.09
CA LYS A 57 2.55 19.36 -1.09
C LYS A 57 1.75 20.33 -0.25
N GLY A 58 2.46 21.24 0.43
CA GLY A 58 1.85 22.24 1.36
C GLY A 58 2.87 22.67 2.40
N ARG A 59 2.44 23.40 3.39
CA ARG A 59 3.30 23.84 4.46
C ARG A 59 3.33 22.81 5.54
N LEU A 60 4.48 22.13 5.68
CA LEU A 60 4.63 21.06 6.63
C LEU A 60 4.94 21.68 7.97
N ILE A 61 4.17 21.29 8.97
CA ILE A 61 4.37 21.75 10.37
C ILE A 61 4.27 20.55 11.30
N ALA A 62 5.40 20.17 11.91
CA ALA A 62 5.45 19.05 12.81
C ALA A 62 5.82 19.61 14.18
N VAL A 63 4.85 19.55 15.10
CA VAL A 63 4.88 20.25 16.39
C VAL A 63 5.17 19.25 17.49
N ASP A 64 5.86 19.73 18.51
CA ASP A 64 6.11 18.95 19.74
C ASP A 64 5.07 19.36 20.78
N LEU A 65 4.31 18.42 21.31
CA LEU A 65 3.35 18.67 22.35
C LEU A 65 4.07 19.35 23.51
N ILE A 66 3.34 20.10 24.29
CA ILE A 66 3.97 20.77 25.45
C ILE A 66 4.62 19.73 26.34
N GLY A 67 5.84 20.03 26.76
CA GLY A 67 6.62 19.09 27.54
C GLY A 67 7.45 18.10 26.82
N TYR A 68 7.25 17.94 25.50
CA TYR A 68 7.84 16.86 24.70
C TYR A 68 8.86 17.48 23.72
N GLY A 69 9.77 16.67 23.23
CA GLY A 69 10.66 17.08 22.16
C GLY A 69 11.50 18.27 22.56
N MET A 70 11.49 19.32 21.74
CA MET A 70 12.18 20.56 22.06
C MET A 70 11.24 21.66 22.55
N SER A 71 9.97 21.30 22.80
CA SER A 71 9.11 22.26 23.46
C SER A 71 9.53 22.49 24.93
N ASP A 72 9.20 23.65 25.46
CA ASP A 72 9.36 23.94 26.88
C ASP A 72 8.63 22.90 27.73
N LYS A 73 9.15 22.73 28.96
CA LYS A 73 8.49 21.97 29.99
C LYS A 73 8.07 22.89 31.12
N PRO A 74 6.98 23.66 30.96
CA PRO A 74 6.49 24.46 32.05
C PRO A 74 6.09 23.61 33.25
N ASP A 75 5.94 24.31 34.36
CA ASP A 75 5.68 23.73 35.66
C ASP A 75 4.22 23.37 35.87
N ILE A 76 3.72 22.41 35.11
CA ILE A 76 2.27 22.11 35.04
C ILE A 76 2.09 20.60 35.19
N PRO A 77 0.88 20.13 35.39
CA PRO A 77 0.66 18.69 35.62
C PRO A 77 0.72 17.83 34.34
N TYR A 78 0.50 18.46 33.17
CA TYR A 78 0.41 17.72 31.90
C TYR A 78 -0.74 16.74 31.89
N ASP A 79 -1.84 17.19 32.48
CA ASP A 79 -3.11 16.48 32.27
CA ASP A 79 -3.13 16.50 32.28
C ASP A 79 -3.62 16.65 30.83
N ILE A 80 -4.61 15.88 30.49
CA ILE A 80 -5.10 15.91 29.10
C ILE A 80 -5.62 17.32 28.81
N ASP A 81 -6.33 17.96 29.75
CA ASP A 81 -6.75 19.34 29.55
C ASP A 81 -5.59 20.28 29.23
N ASP A 82 -4.43 20.11 29.88
CA ASP A 82 -3.26 20.91 29.58
C ASP A 82 -2.88 20.75 28.14
N HIS A 83 -2.74 19.51 27.70
CA HIS A 83 -2.32 19.25 26.34
C HIS A 83 -3.32 19.86 25.35
N ILE A 84 -4.60 19.75 25.63
CA ILE A 84 -5.62 20.36 24.77
C ILE A 84 -5.41 21.84 24.66
N ARG A 85 -5.24 22.50 25.80
CA ARG A 85 -5.11 23.97 25.79
C ARG A 85 -3.89 24.43 25.03
N TYR A 86 -2.78 23.75 25.20
CA TYR A 86 -1.57 24.19 24.58
C TYR A 86 -1.53 23.91 23.10
N LEU A 87 -2.06 22.78 22.67
CA LEU A 87 -2.14 22.53 21.23
C LEU A 87 -3.14 23.50 20.59
N ASP A 88 -4.28 23.80 21.23
CA ASP A 88 -5.15 24.80 20.68
C ASP A 88 -4.40 26.13 20.61
N GLY A 89 -3.65 26.49 21.62
CA GLY A 89 -2.92 27.72 21.61
C GLY A 89 -1.88 27.82 20.50
N PHE A 90 -1.19 26.69 20.23
CA PHE A 90 -0.27 26.57 19.14
C PHE A 90 -0.93 26.83 17.78
N ILE A 91 -2.02 26.13 17.55
CA ILE A 91 -2.69 26.21 16.29
C ILE A 91 -3.16 27.66 16.05
N GLU A 92 -3.71 28.27 17.12
CA GLU A 92 -4.09 29.66 17.07
C GLU A 92 -2.90 30.60 16.87
N ALA A 93 -1.80 30.37 17.55
CA ALA A 93 -0.61 31.19 17.43
C ALA A 93 -0.10 31.27 16.00
N LEU A 94 -0.25 30.19 15.25
N LEU A 94 -0.24 30.18 15.25
CA LEU A 94 0.17 30.16 13.84
CA LEU A 94 0.19 30.14 13.85
C LEU A 94 -0.95 30.54 12.88
C LEU A 94 -0.95 30.54 12.88
N GLY A 95 -2.17 30.68 13.39
CA GLY A 95 -3.32 31.09 12.60
C GLY A 95 -3.67 30.07 11.55
N LEU A 96 -3.50 28.81 11.86
CA LEU A 96 -3.65 27.73 10.84
C LEU A 96 -5.14 27.65 10.47
N ASP A 97 -5.37 27.45 9.16
CA ASP A 97 -6.68 27.17 8.63
C ASP A 97 -6.51 26.21 7.47
N ARG A 98 -7.60 25.65 6.97
CA ARG A 98 -7.52 24.71 5.86
C ARG A 98 -6.50 23.63 6.15
N ILE A 99 -6.65 23.01 7.31
CA ILE A 99 -5.62 22.17 7.86
C ILE A 99 -5.82 20.70 7.48
N THR A 100 -4.78 20.08 7.00
CA THR A 100 -4.74 18.61 6.86
C THR A 100 -3.93 18.05 8.04
N ILE A 101 -4.58 17.31 8.92
CA ILE A 101 -3.91 16.80 10.12
C ILE A 101 -3.42 15.44 9.74
N VAL A 102 -2.15 15.16 10.08
CA VAL A 102 -1.54 13.84 9.97
C VAL A 102 -1.17 13.44 11.39
N CYS A 103 -1.79 12.38 11.88
CA CYS A 103 -1.68 12.13 13.31
C CYS A 103 -1.58 10.67 13.70
N HIS A 104 -1.08 10.50 14.92
CA HIS A 104 -0.66 9.20 15.47
C HIS A 104 -0.88 9.21 16.97
N ASP A 105 -1.35 8.06 17.50
CA ASP A 105 -1.40 7.83 19.00
C ASP A 105 -2.15 9.02 19.67
N TRP A 106 -1.65 9.61 20.75
CA TRP A 106 -2.28 10.71 21.40
C TRP A 106 -2.39 11.91 20.49
N GLY A 107 -1.47 12.09 19.55
CA GLY A 107 -1.64 13.15 18.58
C GLY A 107 -2.92 12.99 17.84
N SER A 108 -3.40 11.80 17.56
CA SER A 108 -4.74 11.61 16.97
C SER A 108 -5.88 11.92 17.92
N PHE A 109 -5.80 11.60 19.19
CA PHE A 109 -6.79 12.05 20.16
C PHE A 109 -6.89 13.57 20.08
N PHE A 110 -5.76 14.27 20.15
CA PHE A 110 -5.82 15.71 20.13
C PHE A 110 -6.26 16.27 18.80
N GLY A 111 -5.84 15.64 17.71
CA GLY A 111 -6.23 16.14 16.38
C GLY A 111 -7.71 15.95 16.15
N PHE A 112 -8.22 14.78 16.47
CA PHE A 112 -9.62 14.49 16.30
C PHE A 112 -10.47 15.38 17.23
N HIS A 113 -10.06 15.60 18.45
CA HIS A 113 -10.82 16.46 19.39
C HIS A 113 -10.78 17.91 18.90
N TYR A 114 -9.67 18.35 18.35
CA TYR A 114 -9.56 19.69 17.76
C TYR A 114 -10.52 19.80 16.56
N ALA A 115 -10.45 18.83 15.68
CA ALA A 115 -11.26 18.86 14.46
C ALA A 115 -12.73 18.86 14.83
N HIS A 116 -13.14 18.10 15.82
CA HIS A 116 -14.49 18.03 16.31
C HIS A 116 -14.98 19.40 16.77
N ARG A 117 -14.12 20.19 17.42
CA ARG A 117 -14.48 21.46 17.97
C ARG A 117 -14.34 22.61 16.95
N HIS A 118 -13.59 22.39 15.87
CA HIS A 118 -13.30 23.43 14.83
C HIS A 118 -13.40 22.83 13.45
N PRO A 119 -14.61 22.30 13.11
CA PRO A 119 -14.66 21.52 11.86
C PRO A 119 -14.41 22.37 10.65
N GLU A 120 -14.77 23.65 10.73
CA GLU A 120 -14.54 24.55 9.63
C GLU A 120 -13.09 24.83 9.24
N ARG A 121 -12.15 24.49 10.13
CA ARG A 121 -10.75 24.71 9.92
C ARG A 121 -10.10 23.53 9.32
N ILE A 122 -10.82 22.44 9.06
CA ILE A 122 -10.17 21.18 8.58
C ILE A 122 -10.44 20.89 7.14
N LYS A 123 -9.39 20.50 6.43
CA LYS A 123 -9.47 20.02 5.03
C LYS A 123 -9.47 18.49 4.93
N GLY A 124 -8.77 17.81 5.82
CA GLY A 124 -8.61 16.35 5.72
C GLY A 124 -7.91 15.83 6.95
N LEU A 125 -8.11 14.52 7.12
CA LEU A 125 -7.55 13.80 8.29
C LEU A 125 -6.90 12.53 7.86
N ALA A 126 -5.60 12.44 8.17
CA ALA A 126 -4.79 11.28 7.84
C ALA A 126 -4.24 10.76 9.16
N PHE A 127 -4.44 9.47 9.37
CA PHE A 127 -4.13 8.95 10.67
C PHE A 127 -3.68 7.51 10.59
N MET A 128 -2.92 7.10 11.62
CA MET A 128 -2.32 5.75 11.69
C MET A 128 -2.11 5.44 13.11
N GLU A 129 -2.42 4.19 13.48
CA GLU A 129 -2.13 3.75 14.89
C GLU A 129 -2.70 4.83 15.81
N ALA A 130 -4.01 5.05 15.59
CA ALA A 130 -4.77 6.18 16.14
C ALA A 130 -5.73 5.70 17.19
N MET A 131 -6.26 6.68 17.90
CA MET A 131 -7.27 6.50 18.95
C MET A 131 -8.64 6.73 18.38
N LEU A 132 -9.26 5.63 17.97
CA LEU A 132 -10.53 5.68 17.31
C LEU A 132 -11.60 5.18 18.22
N ASN A 133 -12.14 3.97 17.98
CA ASN A 133 -13.11 3.42 18.97
C ASN A 133 -12.41 3.15 20.29
N PRO A 134 -13.05 3.57 21.42
CA PRO A 134 -12.33 3.37 22.67
C PRO A 134 -11.98 1.91 22.97
N ILE A 135 -10.86 1.67 23.64
CA ILE A 135 -10.46 0.29 24.03
C ILE A 135 -11.47 -0.22 25.04
N PRO A 136 -12.15 -1.35 24.76
CA PRO A 136 -13.29 -1.68 25.65
C PRO A 136 -12.95 -2.23 27.01
N GLY A 137 -11.74 -2.77 27.19
CA GLY A 137 -11.31 -3.23 28.48
C GLY A 137 -9.95 -3.88 28.34
N TYR A 138 -9.35 -4.20 29.48
CA TYR A 138 -7.97 -4.73 29.52
C TYR A 138 -7.82 -6.06 28.80
N ASP A 139 -8.87 -6.89 28.87
CA ASP A 139 -8.81 -8.22 28.24
C ASP A 139 -8.93 -8.13 26.71
N ALA A 140 -9.66 -7.12 26.21
CA ALA A 140 -9.66 -6.85 24.78
C ALA A 140 -8.41 -6.10 24.29
N PHE A 141 -7.57 -5.62 25.22
CA PHE A 141 -6.38 -4.83 24.90
C PHE A 141 -5.21 -5.81 24.68
N ASP A 142 -4.34 -5.38 23.80
CA ASP A 142 -3.27 -6.20 23.27
C ASP A 142 -2.32 -6.62 24.39
N PRO A 143 -1.98 -7.90 24.48
CA PRO A 143 -1.09 -8.34 25.56
C PRO A 143 0.29 -7.68 25.59
N GLN A 144 0.78 -7.15 24.47
CA GLN A 144 2.08 -6.46 24.42
C GLN A 144 2.26 -5.47 25.59
N THR A 145 1.20 -4.77 25.96
CA THR A 145 1.27 -3.73 26.92
C THR A 145 0.23 -3.90 28.06
N ARG A 146 -0.61 -4.92 28.04
CA ARG A 146 -1.73 -4.93 28.96
C ARG A 146 -1.24 -4.92 30.42
N ALA A 147 -0.32 -5.81 30.76
CA ALA A 147 0.18 -5.85 32.18
C ALA A 147 0.97 -4.54 32.52
N PHE A 148 1.72 -4.03 31.56
CA PHE A 148 2.42 -2.74 31.69
C PHE A 148 1.44 -1.62 32.12
N PHE A 149 0.35 -1.46 31.36
CA PHE A 149 -0.63 -0.46 31.72
C PHE A 149 -1.34 -0.73 33.01
N GLN A 150 -1.71 -1.97 33.29
CA GLN A 150 -2.41 -2.27 34.55
C GLN A 150 -1.54 -1.85 35.71
N THR A 151 -0.29 -2.33 35.73
CA THR A 151 0.63 -2.02 36.80
C THR A 151 0.94 -0.52 36.94
N LEU A 152 1.18 0.15 35.81
CA LEU A 152 1.44 1.59 35.85
C LEU A 152 0.19 2.35 36.43
N ARG A 153 -0.98 1.93 36.03
CA ARG A 153 -2.23 2.58 36.43
C ARG A 153 -2.70 2.24 37.86
N SER A 154 -2.14 1.19 38.46
CA SER A 154 -2.56 0.76 39.78
C SER A 154 -2.16 1.73 40.91
N SER A 155 -1.06 2.49 40.73
CA SER A 155 -0.68 3.47 41.74
C SER A 155 0.28 4.53 41.19
N GLN A 156 0.24 5.71 41.78
CA GLN A 156 1.17 6.76 41.39
C GLN A 156 2.64 6.31 41.61
N ALA A 157 2.87 5.60 42.67
CA ALA A 157 4.24 5.09 42.97
C ALA A 157 4.72 4.18 41.83
N ASN A 158 3.84 3.29 41.37
CA ASN A 158 4.20 2.39 40.27
C ASN A 158 4.44 3.20 39.00
N ALA A 159 3.58 4.16 38.70
CA ALA A 159 3.76 4.98 37.52
C ALA A 159 5.07 5.75 37.51
N GLU A 160 5.38 6.31 38.68
CA GLU A 160 6.63 7.02 38.83
C GLU A 160 7.84 6.12 38.75
N ARG A 161 7.82 4.96 39.41
CA ARG A 161 8.96 4.05 39.26
C ARG A 161 9.19 3.74 37.79
N MET A 162 8.11 3.36 37.14
CA MET A 162 8.21 2.86 35.79
C MET A 162 8.71 3.88 34.81
N MET A 163 8.18 5.11 34.90
CA MET A 163 8.57 6.20 34.07
C MET A 163 9.78 7.00 34.48
N MET A 164 9.88 7.35 35.75
CA MET A 164 10.95 8.23 36.22
C MET A 164 12.24 7.40 36.48
N ASP A 165 12.17 6.30 37.25
CA ASP A 165 13.37 5.53 37.59
C ASP A 165 13.77 4.55 36.48
N GLU A 166 12.80 3.88 35.85
CA GLU A 166 13.11 2.81 34.87
C GLU A 166 13.03 3.30 33.41
N ASN A 167 12.45 4.46 33.23
CA ASN A 167 12.23 5.05 31.91
C ASN A 167 11.71 4.06 30.86
N GLN A 168 10.76 3.25 31.31
CA GLN A 168 10.30 2.10 30.53
C GLN A 168 9.73 2.45 29.19
N PHE A 169 9.01 3.57 29.08
CA PHE A 169 8.33 3.91 27.81
C PHE A 169 9.37 4.21 26.69
N VAL A 170 10.46 4.90 27.03
CA VAL A 170 11.49 5.19 26.11
C VAL A 170 12.39 3.97 25.85
N GLU A 171 12.83 3.32 26.92
CA GLU A 171 13.90 2.37 26.81
C GLU A 171 13.41 0.98 26.37
N ASN A 172 12.15 0.66 26.63
CA ASN A 172 11.60 -0.68 26.44
C ASN A 172 10.43 -0.69 25.52
N ILE A 173 9.35 0.04 25.85
CA ILE A 173 8.14 -0.05 25.01
C ILE A 173 8.35 0.41 23.58
N LEU A 174 9.00 1.55 23.46
CA LEU A 174 9.24 2.13 22.14
CA LEU A 174 9.23 2.13 22.14
C LEU A 174 10.03 1.19 21.23
N PRO A 175 11.18 0.65 21.67
CA PRO A 175 11.88 -0.28 20.77
C PRO A 175 11.07 -1.54 20.52
N ALA A 176 10.30 -1.98 21.50
CA ALA A 176 9.54 -3.21 21.33
C ALA A 176 8.38 -3.05 20.33
N MET A 177 7.93 -1.83 20.08
N MET A 177 7.93 -1.83 20.08
CA MET A 177 6.81 -1.57 19.16
CA MET A 177 6.81 -1.57 19.16
C MET A 177 7.28 -0.99 17.82
C MET A 177 7.28 -0.99 17.82
N ILE A 178 8.53 -1.25 17.50
CA ILE A 178 9.12 -0.99 16.18
C ILE A 178 9.72 -2.36 15.73
N CYS A 179 9.47 -2.75 14.48
CA CYS A 179 9.85 -4.04 13.98
C CYS A 179 11.34 -4.05 13.74
N ARG A 180 11.89 -3.02 13.13
CA ARG A 180 13.34 -3.05 12.77
C ARG A 180 14.12 -2.53 13.98
N PRO A 181 15.40 -2.82 14.05
CA PRO A 181 16.19 -2.32 15.14
C PRO A 181 16.51 -0.88 14.94
N LEU A 182 16.41 -0.07 15.99
CA LEU A 182 16.74 1.32 15.93
C LEU A 182 18.23 1.46 16.01
N GLU A 183 18.80 2.36 15.22
CA GLU A 183 20.20 2.71 15.38
C GLU A 183 20.40 3.47 16.70
N ARG A 184 21.59 3.41 17.33
CA ARG A 184 21.72 4.06 18.65
C ARG A 184 21.38 5.56 18.63
N GLN A 185 21.71 6.27 17.55
CA GLN A 185 21.47 7.71 17.54
C GLN A 185 19.99 8.01 17.36
N GLU A 186 19.22 7.07 16.81
CA GLU A 186 17.77 7.22 16.71
C GLU A 186 17.10 7.09 18.09
N LEU A 187 17.49 6.05 18.83
CA LEU A 187 16.97 5.91 20.15
C LEU A 187 17.43 7.12 20.98
N ASP A 188 18.71 7.56 20.85
CA ASP A 188 19.22 8.74 21.57
C ASP A 188 18.32 9.97 21.32
N ALA A 189 17.85 10.12 20.09
CA ALA A 189 16.90 11.21 19.80
C ALA A 189 15.63 11.16 20.62
N TYR A 190 15.12 9.96 20.85
CA TYR A 190 13.94 9.78 21.72
C TYR A 190 14.27 9.94 23.21
N ARG A 191 15.46 9.58 23.62
CA ARG A 191 15.94 9.79 25.01
C ARG A 191 16.19 11.26 25.30
N ALA A 192 16.63 12.02 24.31
CA ALA A 192 17.15 13.38 24.50
C ALA A 192 16.22 14.38 25.23
N PRO A 193 14.89 14.31 25.03
CA PRO A 193 13.98 15.18 25.83
C PRO A 193 13.72 14.74 27.26
N TRP A 194 14.29 13.61 27.68
CA TRP A 194 13.89 12.91 28.90
C TRP A 194 15.09 12.48 29.71
N THR A 195 16.19 13.25 29.61
CA THR A 195 17.43 12.85 30.31
C THR A 195 17.31 13.13 31.82
N ASP A 196 16.48 14.09 32.20
CA ASP A 196 16.28 14.49 33.59
C ASP A 196 15.19 13.60 34.24
N ARG A 197 15.53 12.97 35.34
CA ARG A 197 14.63 12.12 36.07
C ARG A 197 13.33 12.78 36.48
N GLN A 198 13.41 13.94 37.14
CA GLN A 198 12.19 14.60 37.63
C GLN A 198 11.29 14.94 36.44
N SER A 199 11.87 15.29 35.29
CA SER A 199 11.05 15.66 34.15
C SER A 199 10.26 14.47 33.63
N ARG A 200 10.81 13.24 33.81
CA ARG A 200 10.09 12.06 33.37
C ARG A 200 8.75 11.81 34.05
N ARG A 201 8.44 12.54 35.15
CA ARG A 201 7.04 12.50 35.68
C ARG A 201 6.00 12.73 34.61
N ILE A 202 6.36 13.55 33.63
CA ILE A 202 5.49 13.95 32.55
C ILE A 202 5.07 12.73 31.72
N LEU A 203 5.97 11.78 31.61
CA LEU A 203 5.68 10.56 30.88
C LEU A 203 4.66 9.65 31.51
N CYS A 204 4.18 9.98 32.71
CA CYS A 204 3.22 9.17 33.39
C CYS A 204 1.85 9.43 32.87
N THR A 205 1.59 10.66 32.45
CA THR A 205 0.21 11.09 32.33
C THR A 205 -0.51 10.43 31.15
N PHE A 206 0.18 10.25 30.03
CA PHE A 206 -0.48 9.61 28.86
C PHE A 206 -0.89 8.15 29.16
N PRO A 207 0.01 7.30 29.71
CA PRO A 207 -0.46 5.93 30.09
C PRO A 207 -1.49 5.87 31.19
N GLN A 208 -1.50 6.87 32.10
CA GLN A 208 -2.52 6.94 33.12
C GLN A 208 -3.86 7.38 32.53
N ASN A 209 -3.86 8.05 31.37
CA ASN A 209 -5.07 8.55 30.84
C ASN A 209 -5.59 7.84 29.61
N LEU A 210 -4.86 6.85 29.07
CA LEU A 210 -5.37 6.06 27.92
C LEU A 210 -6.69 5.46 28.25
N CYS A 211 -7.69 5.63 27.39
CA CYS A 211 -9.02 5.18 27.74
C CYS A 211 -9.06 3.63 27.57
N ILE A 212 -9.29 2.95 28.69
CA ILE A 212 -9.44 1.56 28.72
C ILE A 212 -10.63 1.24 29.59
N GLY A 213 -11.66 0.57 29.04
CA GLY A 213 -12.82 0.20 29.91
C GLY A 213 -13.49 1.43 30.51
N LYS A 214 -13.61 2.42 29.64
CA LYS A 214 -14.26 3.71 30.02
C LYS A 214 -13.54 4.51 31.10
N GLU A 215 -12.28 4.24 31.33
CA GLU A 215 -11.51 4.91 32.36
C GLU A 215 -10.27 5.49 31.70
N PRO A 216 -9.89 6.75 31.88
CA PRO A 216 -10.63 7.74 32.69
C PRO A 216 -11.90 8.08 31.99
N ALA A 217 -12.84 8.58 32.75
CA ALA A 217 -14.20 8.81 32.27
C ALA A 217 -14.20 10.05 31.36
N SER A 218 -13.41 11.06 31.71
CA SER A 218 -13.34 12.30 30.88
C SER A 218 -12.81 11.94 29.48
N VAL A 219 -11.79 11.09 29.39
CA VAL A 219 -11.20 10.75 28.11
C VAL A 219 -12.22 9.88 27.33
N TYR A 220 -12.84 8.90 27.93
CA TYR A 220 -13.92 8.16 27.33
C TYR A 220 -14.98 9.08 26.75
N ARG A 221 -15.47 10.07 27.49
CA ARG A 221 -16.52 10.99 26.97
C ARG A 221 -15.97 11.71 25.74
N MET A 222 -14.75 12.21 25.81
CA MET A 222 -14.24 13.04 24.68
C MET A 222 -14.04 12.19 23.46
N GLN A 223 -13.50 11.00 23.63
CA GLN A 223 -13.20 10.13 22.53
C GLN A 223 -14.49 9.59 21.93
N THR A 224 -15.41 9.14 22.76
CA THR A 224 -16.69 8.70 22.30
C THR A 224 -17.35 9.82 21.46
N ALA A 225 -17.26 11.05 21.96
CA ALA A 225 -17.90 12.19 21.29
C ALA A 225 -17.21 12.44 19.95
N TYR A 226 -15.88 12.44 19.86
CA TYR A 226 -15.28 12.69 18.51
C TYR A 226 -15.50 11.52 17.56
N ILE A 227 -15.62 10.30 18.03
CA ILE A 227 -15.95 9.19 17.15
C ILE A 227 -17.36 9.31 16.57
N GLU A 228 -18.31 9.71 17.38
CA GLU A 228 -19.66 9.91 16.93
C GLU A 228 -19.62 11.00 15.80
N TRP A 229 -18.83 12.04 16.06
CA TRP A 229 -18.73 13.15 15.11
C TRP A 229 -18.02 12.63 13.83
N LEU A 230 -16.91 11.91 13.95
CA LEU A 230 -16.20 11.34 12.80
C LEU A 230 -17.10 10.50 11.89
N GLY A 231 -18.09 9.83 12.49
CA GLY A 231 -19.01 8.99 11.76
C GLY A 231 -20.01 9.72 10.93
N GLN A 232 -20.11 11.04 11.15
CA GLN A 232 -21.01 11.89 10.41
C GLN A 232 -20.26 12.84 9.45
N THR A 233 -18.96 13.07 9.66
CA THR A 233 -18.26 14.13 8.91
C THR A 233 -17.97 13.60 7.50
N ASP A 234 -18.14 14.46 6.48
CA ASP A 234 -17.85 14.11 5.11
C ASP A 234 -16.34 14.33 4.74
N LEU A 235 -15.58 14.92 5.64
CA LEU A 235 -14.16 15.23 5.42
C LEU A 235 -13.41 13.99 4.90
N PRO A 236 -12.53 14.20 3.93
CA PRO A 236 -11.69 13.11 3.45
C PRO A 236 -10.82 12.56 4.63
N LYS A 237 -10.73 11.24 4.67
CA LYS A 237 -10.00 10.57 5.71
C LYS A 237 -9.13 9.52 5.06
N LEU A 238 -7.92 9.34 5.69
CA LEU A 238 -7.02 8.32 5.23
C LEU A 238 -6.56 7.58 6.43
N LEU A 239 -6.77 6.26 6.42
CA LEU A 239 -6.23 5.38 7.48
C LEU A 239 -5.09 4.57 6.93
N ILE A 240 -3.92 4.80 7.49
CA ILE A 240 -2.70 4.06 7.08
C ILE A 240 -2.55 2.98 8.14
N HIS A 241 -2.27 1.76 7.74
CA HIS A 241 -2.28 0.62 8.66
C HIS A 241 -1.19 -0.36 8.34
N ALA A 242 -0.79 -1.14 9.38
CA ALA A 242 0.33 -2.03 9.30
C ALA A 242 -0.06 -3.33 9.96
N GLU A 243 0.73 -4.36 9.72
CA GLU A 243 0.42 -5.67 10.22
C GLU A 243 1.53 -6.09 11.14
N PRO A 244 1.26 -6.47 12.40
CA PRO A 244 -0.07 -6.71 12.96
C PRO A 244 -0.66 -5.44 13.55
N GLY A 245 0.13 -4.37 13.67
CA GLY A 245 -0.36 -3.16 14.28
C GLY A 245 -0.48 -3.29 15.80
N PHE A 246 -1.13 -2.33 16.43
CA PHE A 246 -1.27 -2.28 17.89
C PHE A 246 -2.59 -1.68 18.30
N LEU A 247 -2.74 -0.38 18.15
CA LEU A 247 -4.02 0.32 18.43
C LEU A 247 -5.03 -0.03 17.36
N ILE A 248 -4.55 -0.31 16.13
CA ILE A 248 -5.46 -0.65 15.04
C ILE A 248 -5.04 -1.96 14.40
N PRO A 249 -5.46 -3.08 14.98
CA PRO A 249 -5.16 -4.35 14.30
C PRO A 249 -5.97 -4.58 13.00
N ALA A 250 -5.60 -5.58 12.22
CA ALA A 250 -6.21 -5.80 10.88
C ALA A 250 -7.73 -5.78 10.78
N PRO A 251 -8.47 -6.51 11.63
CA PRO A 251 -9.99 -6.45 11.46
C PRO A 251 -10.63 -5.12 11.78
N ALA A 252 -9.97 -4.32 12.63
CA ALA A 252 -10.46 -3.03 12.92
C ALA A 252 -10.31 -2.16 11.74
N VAL A 253 -9.39 -2.49 10.79
CA VAL A 253 -9.28 -1.59 9.67
C VAL A 253 -10.57 -1.63 8.91
N ASP A 254 -11.04 -2.82 8.58
CA ASP A 254 -12.28 -2.97 7.81
C ASP A 254 -13.47 -2.37 8.51
N GLN A 255 -13.50 -2.40 9.84
CA GLN A 255 -14.61 -1.80 10.60
C GLN A 255 -14.74 -0.31 10.26
N TYR A 256 -13.62 0.35 10.18
CA TYR A 256 -13.60 1.81 9.92
C TYR A 256 -13.96 2.13 8.53
N ARG A 257 -13.66 1.24 7.58
CA ARG A 257 -14.09 1.49 6.18
C ARG A 257 -15.59 1.66 6.11
N GLN A 258 -16.31 0.88 6.93
CA GLN A 258 -17.77 0.96 6.99
C GLN A 258 -18.27 2.08 7.92
N GLN A 259 -17.57 2.29 9.02
CA GLN A 259 -18.04 3.21 10.05
C GLN A 259 -17.87 4.69 9.70
N LEU A 260 -16.78 5.03 8.99
CA LEU A 260 -16.40 6.40 8.72
C LEU A 260 -16.64 6.77 7.30
N PRO A 261 -17.43 7.84 7.06
CA PRO A 261 -17.63 8.25 5.65
C PRO A 261 -16.31 8.67 4.96
N ASN A 262 -16.24 8.36 3.66
CA ASN A 262 -15.14 8.81 2.81
CA ASN A 262 -15.13 8.92 2.83
C ASN A 262 -13.77 8.47 3.36
N LEU A 263 -13.67 7.24 3.89
CA LEU A 263 -12.45 6.75 4.38
C LEU A 263 -11.71 5.94 3.30
N GLU A 264 -10.48 6.32 3.05
CA GLU A 264 -9.60 5.53 2.17
C GLU A 264 -8.54 4.94 3.08
N THR A 265 -7.91 3.90 2.58
CA THR A 265 -6.91 3.18 3.39
C THR A 265 -5.67 2.98 2.57
N ALA A 266 -4.57 2.74 3.28
CA ALA A 266 -3.31 2.40 2.66
C ALA A 266 -2.56 1.46 3.60
N PHE A 267 -2.22 0.33 3.06
CA PHE A 267 -1.49 -0.68 3.82
C PHE A 267 -0.02 -0.46 3.59
N VAL A 268 0.79 -0.43 4.64
CA VAL A 268 2.22 -0.17 4.52
C VAL A 268 3.11 -1.38 4.91
N GLY A 269 2.49 -2.51 5.23
CA GLY A 269 3.22 -3.72 5.55
C GLY A 269 3.53 -3.88 7.01
N SER A 270 4.69 -4.47 7.32
CA SER A 270 5.02 -4.79 8.68
C SER A 270 5.23 -3.59 9.57
N GLY A 271 4.51 -3.58 10.69
CA GLY A 271 4.61 -2.59 11.70
C GLY A 271 3.75 -2.91 12.91
N LEU A 272 4.14 -2.33 14.04
CA LEU A 272 3.47 -2.53 15.36
C LEU A 272 2.82 -1.21 15.74
N HIS A 273 3.49 -0.37 16.53
CA HIS A 273 2.90 0.92 16.87
C HIS A 273 3.59 2.10 16.25
N TYR A 274 4.92 2.23 16.37
CA TYR A 274 5.62 3.41 15.85
C TYR A 274 6.02 3.17 14.42
N ILE A 275 5.02 3.09 13.59
CA ILE A 275 5.17 2.61 12.23
C ILE A 275 6.00 3.51 11.35
N GLN A 276 6.10 4.79 11.72
CA GLN A 276 6.94 5.74 11.02
C GLN A 276 8.39 5.28 11.04
N GLU A 277 8.76 4.51 12.02
CA GLU A 277 10.13 4.00 12.04
C GLU A 277 10.33 2.77 11.16
N ASP A 278 9.28 2.08 10.79
CA ASP A 278 9.35 0.90 9.92
C ASP A 278 9.12 1.20 8.46
N GLN A 279 8.14 2.04 8.14
CA GLN A 279 7.74 2.27 6.74
C GLN A 279 7.50 3.75 6.47
N PRO A 280 8.49 4.59 6.78
CA PRO A 280 8.27 6.03 6.55
C PRO A 280 8.01 6.42 5.15
N GLN A 281 8.71 5.85 4.19
N GLN A 281 8.74 5.86 4.18
CA GLN A 281 8.55 6.26 2.80
CA GLN A 281 8.56 6.26 2.78
C GLN A 281 7.16 5.90 2.33
C GLN A 281 7.16 5.90 2.32
N LYS A 282 6.74 4.67 2.58
CA LYS A 282 5.40 4.24 2.22
C LYS A 282 4.33 5.08 2.87
N ILE A 283 4.54 5.44 4.13
CA ILE A 283 3.55 6.28 4.82
C ILE A 283 3.46 7.65 4.17
N GLY A 284 4.62 8.27 3.95
CA GLY A 284 4.62 9.54 3.28
C GLY A 284 3.99 9.50 1.92
N GLN A 285 4.32 8.48 1.16
CA GLN A 285 3.79 8.36 -0.22
C GLN A 285 2.32 8.10 -0.16
N ALA A 286 1.82 7.36 0.80
CA ALA A 286 0.37 7.18 0.94
C ALA A 286 -0.36 8.48 1.14
N ILE A 287 0.19 9.34 1.99
CA ILE A 287 -0.41 10.62 2.26
C ILE A 287 -0.31 11.43 0.99
N ALA A 288 0.85 11.44 0.34
CA ALA A 288 1.01 12.23 -0.89
C ALA A 288 0.00 11.83 -1.96
N GLN A 289 -0.18 10.53 -2.21
CA GLN A 289 -1.07 10.06 -3.22
C GLN A 289 -2.50 10.44 -2.90
N TRP A 290 -2.90 10.37 -1.64
CA TRP A 290 -4.22 10.70 -1.20
C TRP A 290 -4.46 12.21 -1.38
N MET A 291 -3.46 13.04 -1.03
CA MET A 291 -3.63 14.53 -1.25
C MET A 291 -3.76 14.85 -2.74
N ASP A 292 -3.00 14.18 -3.58
CA ASP A 292 -3.02 14.37 -5.06
C ASP A 292 -4.26 13.94 -5.69
N ARG A 293 -5.08 13.06 -5.10
CA ARG A 293 -6.41 12.73 -5.69
C ARG A 293 -6.40 12.43 -7.17
N CYS A 294 -5.41 11.64 -7.59
CA CYS A 294 -5.32 11.12 -8.91
C CYS A 294 -5.18 12.23 -9.95
N GLY A 295 -4.68 13.40 -9.51
CA GLY A 295 -4.58 14.54 -10.52
C GLY A 295 -5.90 15.24 -10.77
N LEU A 296 -6.98 14.88 -10.07
CA LEU A 296 -8.24 15.63 -10.13
C LEU A 296 -8.12 16.89 -9.24
N THR B 3 -10.94 -26.87 -23.29
CA THR B 3 -10.63 -26.91 -21.82
C THR B 3 -11.97 -26.76 -21.04
N GLN B 4 -12.20 -27.61 -20.05
CA GLN B 4 -13.38 -27.50 -19.20
C GLN B 4 -13.28 -26.31 -18.23
N LYS B 5 -14.42 -25.68 -18.00
CA LYS B 5 -14.53 -24.61 -17.04
C LYS B 5 -14.33 -25.11 -15.60
N PRO B 6 -13.44 -24.46 -14.83
CA PRO B 6 -13.29 -24.89 -13.42
C PRO B 6 -14.50 -24.58 -12.54
N ALA B 7 -14.72 -25.39 -11.52
CA ALA B 7 -15.81 -25.23 -10.54
C ALA B 7 -15.83 -23.91 -9.80
N ASP B 8 -14.67 -23.32 -9.57
CA ASP B 8 -14.57 -22.04 -8.84
C ASP B 8 -14.32 -20.84 -9.72
N PHE B 9 -14.80 -20.88 -10.95
CA PHE B 9 -14.72 -19.77 -11.89
C PHE B 9 -16.10 -19.29 -12.27
N PRO B 10 -16.70 -18.45 -11.43
CA PRO B 10 -18.13 -18.22 -11.50
C PRO B 10 -18.56 -17.02 -12.34
N TYR B 11 -17.99 -16.92 -13.53
CA TYR B 11 -18.36 -15.89 -14.44
C TYR B 11 -18.68 -16.59 -15.74
N PRO B 12 -19.69 -16.11 -16.47
CA PRO B 12 -20.11 -16.79 -17.69
C PRO B 12 -19.07 -16.66 -18.84
N SER B 13 -18.88 -17.78 -19.54
CA SER B 13 -17.97 -17.91 -20.67
C SER B 13 -18.62 -17.41 -21.94
N HIS B 14 -17.89 -16.55 -22.60
CA HIS B 14 -18.20 -16.06 -23.90
C HIS B 14 -17.02 -16.28 -24.83
N PHE B 15 -17.30 -16.24 -26.15
CA PHE B 15 -16.22 -16.38 -27.16
C PHE B 15 -16.39 -15.31 -28.20
N ALA B 16 -15.27 -14.74 -28.62
CA ALA B 16 -15.23 -13.74 -29.68
C ALA B 16 -14.56 -14.40 -30.86
N ASP B 17 -15.05 -14.12 -32.05
CA ASP B 17 -14.45 -14.65 -33.26
C ASP B 17 -13.39 -13.65 -33.70
N VAL B 18 -12.14 -14.10 -33.69
CA VAL B 18 -10.99 -13.27 -33.99
C VAL B 18 -10.11 -14.07 -34.96
N LEU B 19 -9.93 -13.55 -36.15
CA LEU B 19 -9.00 -14.16 -37.16
C LEU B 19 -9.27 -15.64 -37.43
N GLY B 20 -10.55 -16.04 -37.40
CA GLY B 20 -11.00 -17.37 -37.67
C GLY B 20 -10.96 -18.35 -36.53
N SER B 21 -10.57 -17.86 -35.35
CA SER B 21 -10.60 -18.64 -34.12
C SER B 21 -11.50 -18.02 -33.11
N ARG B 22 -11.75 -18.78 -32.07
CA ARG B 22 -12.52 -18.27 -30.92
C ARG B 22 -11.58 -17.97 -29.80
N MET B 23 -11.73 -16.80 -29.22
CA MET B 23 -11.02 -16.39 -28.01
C MET B 23 -12.00 -16.36 -26.87
N HIS B 24 -11.69 -17.06 -25.81
CA HIS B 24 -12.53 -17.07 -24.62
C HIS B 24 -12.34 -15.86 -23.72
N TYR B 25 -13.47 -15.39 -23.16
CA TYR B 25 -13.44 -14.37 -22.12
C TYR B 25 -14.66 -14.52 -21.24
N VAL B 26 -14.52 -14.08 -19.99
CA VAL B 26 -15.63 -14.03 -19.06
C VAL B 26 -15.99 -12.57 -18.90
N GLU B 27 -17.24 -12.34 -18.52
CA GLU B 27 -17.81 -11.01 -18.53
C GLU B 27 -18.76 -10.79 -17.37
N HIS B 28 -18.78 -9.55 -16.87
CA HIS B 28 -19.74 -9.14 -15.86
C HIS B 28 -20.06 -7.65 -15.97
N GLY B 29 -21.35 -7.32 -15.93
CA GLY B 29 -21.76 -5.95 -15.73
C GLY B 29 -21.75 -5.04 -16.93
N ASN B 30 -21.79 -3.76 -16.64
CA ASN B 30 -21.97 -2.73 -17.64
C ASN B 30 -21.13 -1.56 -17.26
N GLY B 31 -20.99 -0.68 -18.26
CA GLY B 31 -20.26 0.58 -18.14
C GLY B 31 -18.97 0.50 -18.89
N ASP B 32 -18.12 1.48 -18.66
CA ASP B 32 -16.75 1.43 -19.21
C ASP B 32 -15.96 0.14 -18.76
N PRO B 33 -15.26 -0.53 -19.69
CA PRO B 33 -14.70 -1.85 -19.41
C PRO B 33 -13.43 -1.83 -18.62
N LEU B 34 -13.29 -2.88 -17.81
CA LEU B 34 -12.10 -3.29 -17.11
C LEU B 34 -11.61 -4.52 -17.84
N LEU B 35 -10.51 -4.36 -18.56
CA LEU B 35 -9.91 -5.48 -19.33
C LEU B 35 -8.77 -6.16 -18.62
N PHE B 36 -8.94 -7.42 -18.25
CA PHE B 36 -7.97 -8.14 -17.42
C PHE B 36 -7.12 -9.00 -18.33
N LEU B 37 -5.79 -8.83 -18.23
CA LEU B 37 -4.87 -9.47 -19.17
C LEU B 37 -3.86 -10.29 -18.36
N HIS B 38 -3.87 -11.61 -18.61
CA HIS B 38 -2.96 -12.55 -17.96
C HIS B 38 -1.68 -12.74 -18.79
N GLY B 39 -0.74 -13.49 -18.25
CA GLY B 39 0.51 -13.85 -18.87
C GLY B 39 0.77 -15.35 -18.78
N GLN B 40 2.06 -15.65 -18.62
CA GLN B 40 2.58 -17.03 -18.67
C GLN B 40 2.60 -17.75 -17.36
N PRO B 41 2.06 -18.98 -17.26
CA PRO B 41 1.33 -19.80 -18.23
C PRO B 41 -0.09 -19.89 -17.75
N THR B 42 -0.73 -18.73 -17.56
CA THR B 42 -2.02 -18.69 -16.89
C THR B 42 -3.15 -18.47 -17.93
N TRP B 43 -4.27 -18.00 -17.45
CA TRP B 43 -5.40 -17.64 -18.24
C TRP B 43 -6.34 -16.79 -17.36
N SER B 44 -7.52 -16.48 -17.87
CA SER B 44 -8.44 -15.56 -17.18
C SER B 44 -8.83 -16.03 -15.80
N TYR B 45 -8.70 -17.34 -15.56
CA TYR B 45 -8.95 -17.93 -14.24
C TYR B 45 -8.15 -17.26 -13.17
N LEU B 46 -6.93 -16.81 -13.49
CA LEU B 46 -6.07 -16.09 -12.54
C LEU B 46 -6.79 -14.94 -11.86
N TRP B 47 -7.73 -14.29 -12.53
CA TRP B 47 -8.38 -13.18 -11.94
C TRP B 47 -9.73 -13.49 -11.19
N ARG B 48 -10.09 -14.76 -11.06
CA ARG B 48 -11.41 -15.17 -10.57
C ARG B 48 -11.85 -14.60 -9.21
N LYS B 49 -10.90 -14.39 -8.31
CA LYS B 49 -11.12 -13.84 -6.95
C LYS B 49 -10.85 -12.32 -6.87
N VAL B 50 -10.37 -11.74 -7.94
CA VAL B 50 -10.18 -10.30 -8.04
C VAL B 50 -11.47 -9.68 -8.54
N LEU B 51 -12.08 -10.32 -9.54
CA LEU B 51 -13.26 -9.75 -10.17
CA LEU B 51 -13.27 -9.78 -10.18
C LEU B 51 -14.39 -9.44 -9.18
N PRO B 52 -14.61 -10.26 -8.16
CA PRO B 52 -15.77 -9.97 -7.29
C PRO B 52 -15.66 -8.66 -6.53
N GLU B 53 -14.44 -8.16 -6.30
CA GLU B 53 -14.22 -6.84 -5.68
C GLU B 53 -14.58 -5.72 -6.56
N LEU B 54 -14.68 -6.00 -7.87
CA LEU B 54 -14.87 -4.93 -8.89
C LEU B 54 -16.23 -4.96 -9.56
N GLU B 55 -17.11 -5.88 -9.14
CA GLU B 55 -18.46 -5.92 -9.71
C GLU B 55 -19.17 -4.62 -9.44
N GLY B 56 -19.76 -4.08 -10.50
CA GLY B 56 -20.48 -2.82 -10.37
C GLY B 56 -19.58 -1.62 -10.66
N LYS B 57 -18.26 -1.82 -10.81
CA LYS B 57 -17.32 -0.71 -11.09
C LYS B 57 -17.13 -0.48 -12.61
N GLY B 58 -17.64 -1.41 -13.43
CA GLY B 58 -17.53 -1.34 -14.89
C GLY B 58 -17.85 -2.69 -15.51
N ARG B 59 -17.67 -2.78 -16.82
CA ARG B 59 -17.88 -4.05 -17.52
C ARG B 59 -16.58 -4.84 -17.46
N LEU B 60 -16.63 -5.92 -16.71
CA LEU B 60 -15.45 -6.70 -16.44
C LEU B 60 -15.32 -7.65 -17.61
N ILE B 61 -14.12 -7.70 -18.19
CA ILE B 61 -13.79 -8.59 -19.35
C ILE B 61 -12.43 -9.20 -19.09
N ALA B 62 -12.40 -10.50 -18.83
CA ALA B 62 -11.14 -11.16 -18.62
C ALA B 62 -10.99 -12.18 -19.76
N VAL B 63 -9.94 -11.97 -20.56
CA VAL B 63 -9.72 -12.66 -21.85
C VAL B 63 -8.52 -13.64 -21.75
N ASP B 64 -8.60 -14.72 -22.49
CA ASP B 64 -7.55 -15.74 -22.60
C ASP B 64 -6.79 -15.44 -23.94
N LEU B 65 -5.49 -15.26 -23.81
CA LEU B 65 -4.66 -15.05 -24.98
C LEU B 65 -4.81 -16.25 -25.91
N ILE B 66 -4.65 -15.98 -27.23
CA ILE B 66 -4.75 -17.08 -28.19
C ILE B 66 -3.83 -18.25 -27.77
N GLY B 67 -4.39 -19.45 -27.85
CA GLY B 67 -3.64 -20.62 -27.46
C GLY B 67 -3.74 -20.95 -25.97
N TYR B 68 -4.29 -20.06 -25.12
CA TYR B 68 -4.22 -20.20 -23.64
C TYR B 68 -5.64 -20.46 -23.08
N GLY B 69 -5.77 -20.99 -21.88
CA GLY B 69 -7.04 -21.01 -21.22
C GLY B 69 -8.07 -21.82 -22.05
N MET B 70 -9.22 -21.24 -22.27
CA MET B 70 -10.26 -21.84 -23.13
C MET B 70 -10.30 -21.27 -24.52
N SER B 71 -9.34 -20.43 -24.87
CA SER B 71 -9.24 -20.00 -26.25
C SER B 71 -8.85 -21.13 -27.19
N ASP B 72 -9.20 -21.06 -28.45
CA ASP B 72 -8.73 -22.03 -29.44
C ASP B 72 -7.19 -22.03 -29.50
N LYS B 73 -6.65 -23.15 -29.96
CA LYS B 73 -5.26 -23.25 -30.27
C LYS B 73 -5.05 -23.50 -31.81
N PRO B 74 -5.25 -22.49 -32.63
CA PRO B 74 -4.98 -22.64 -34.05
C PRO B 74 -3.56 -23.00 -34.37
N ASP B 75 -3.38 -23.45 -35.60
CA ASP B 75 -2.07 -23.89 -36.12
C ASP B 75 -1.29 -22.69 -36.65
N ILE B 76 -0.77 -21.90 -35.70
CA ILE B 76 -0.01 -20.71 -35.93
C ILE B 76 1.28 -20.75 -35.14
N PRO B 77 2.22 -19.81 -35.35
CA PRO B 77 3.51 -19.86 -34.67
C PRO B 77 3.51 -19.47 -33.20
N TYR B 78 2.53 -18.67 -32.80
CA TYR B 78 2.44 -18.05 -31.49
C TYR B 78 3.68 -17.23 -31.16
N ASP B 79 4.18 -16.51 -32.15
CA ASP B 79 5.21 -15.52 -31.89
CA ASP B 79 5.22 -15.54 -31.82
C ASP B 79 4.57 -14.31 -31.18
N ILE B 80 5.40 -13.39 -30.72
CA ILE B 80 4.87 -12.21 -30.07
C ILE B 80 3.95 -11.44 -31.01
N ASP B 81 4.33 -11.31 -32.28
CA ASP B 81 3.45 -10.62 -33.25
C ASP B 81 2.12 -11.29 -33.38
N ASP B 82 2.05 -12.61 -33.29
CA ASP B 82 0.72 -13.29 -33.36
C ASP B 82 -0.11 -12.89 -32.18
N HIS B 83 0.46 -12.93 -30.99
CA HIS B 83 -0.32 -12.50 -29.79
C HIS B 83 -0.77 -11.10 -29.88
N ILE B 84 0.06 -10.22 -30.43
CA ILE B 84 -0.35 -8.83 -30.66
C ILE B 84 -1.55 -8.79 -31.56
N ARG B 85 -1.49 -9.48 -32.71
CA ARG B 85 -2.62 -9.39 -33.66
C ARG B 85 -3.90 -9.95 -33.10
N TYR B 86 -3.84 -11.01 -32.35
CA TYR B 86 -5.06 -11.61 -31.83
C TYR B 86 -5.65 -10.83 -30.71
N LEU B 87 -4.85 -10.27 -29.84
CA LEU B 87 -5.42 -9.43 -28.81
C LEU B 87 -5.95 -8.13 -29.37
N ASP B 88 -5.27 -7.53 -30.38
CA ASP B 88 -5.85 -6.38 -31.07
C ASP B 88 -7.14 -6.82 -31.65
N GLY B 89 -7.22 -7.99 -32.29
CA GLY B 89 -8.46 -8.42 -32.89
C GLY B 89 -9.58 -8.63 -31.89
N PHE B 90 -9.25 -9.16 -30.71
CA PHE B 90 -10.20 -9.31 -29.62
C PHE B 90 -10.80 -7.94 -29.20
N ILE B 91 -9.91 -6.99 -28.93
CA ILE B 91 -10.32 -5.68 -28.44
C ILE B 91 -11.22 -5.06 -29.49
N GLU B 92 -10.85 -5.15 -30.77
CA GLU B 92 -11.66 -4.61 -31.85
C GLU B 92 -12.97 -5.35 -31.99
N ALA B 93 -12.97 -6.66 -31.87
CA ALA B 93 -14.19 -7.47 -31.97
C ALA B 93 -15.24 -7.05 -30.97
N LEU B 94 -14.79 -6.69 -29.78
CA LEU B 94 -15.71 -6.23 -28.70
C LEU B 94 -15.92 -4.74 -28.71
N GLY B 95 -15.12 -4.01 -29.49
CA GLY B 95 -15.23 -2.56 -29.61
C GLY B 95 -14.97 -1.87 -28.28
N LEU B 96 -14.03 -2.38 -27.51
CA LEU B 96 -13.77 -1.86 -26.18
C LEU B 96 -13.23 -0.42 -26.29
N ASP B 97 -13.73 0.51 -25.45
CA ASP B 97 -13.28 1.87 -25.43
C ASP B 97 -13.34 2.38 -24.02
N ARG B 98 -12.65 3.49 -23.74
CA ARG B 98 -12.56 4.00 -22.37
C ARG B 98 -12.17 2.85 -21.44
N ILE B 99 -11.08 2.16 -21.77
CA ILE B 99 -10.70 0.93 -21.12
C ILE B 99 -9.77 1.16 -19.93
N THR B 100 -10.08 0.49 -18.84
CA THR B 100 -9.11 0.35 -17.70
C THR B 100 -8.50 -1.02 -17.85
N ILE B 101 -7.21 -1.06 -18.16
CA ILE B 101 -6.53 -2.36 -18.38
C ILE B 101 -6.03 -2.71 -17.01
N VAL B 102 -6.27 -3.96 -16.62
CA VAL B 102 -5.69 -4.55 -15.39
C VAL B 102 -4.83 -5.69 -15.87
N CYS B 103 -3.53 -5.62 -15.62
CA CYS B 103 -2.63 -6.48 -16.35
C CYS B 103 -1.48 -6.98 -15.51
N HIS B 104 -0.89 -8.08 -16.06
CA HIS B 104 0.13 -8.88 -15.32
C HIS B 104 1.03 -9.54 -16.34
N ASP B 105 2.29 -9.58 -16.02
CA ASP B 105 3.35 -10.39 -16.80
C ASP B 105 3.18 -10.05 -18.30
N TRP B 106 3.15 -11.02 -19.21
CA TRP B 106 2.98 -10.70 -20.62
C TRP B 106 1.70 -10.00 -20.97
N GLY B 107 0.65 -10.19 -20.18
CA GLY B 107 -0.56 -9.38 -20.40
C GLY B 107 -0.26 -7.93 -20.29
N SER B 108 0.64 -7.54 -19.41
CA SER B 108 1.08 -6.11 -19.34
C SER B 108 1.88 -5.67 -20.54
N PHE B 109 2.74 -6.48 -21.09
CA PHE B 109 3.42 -6.16 -22.32
C PHE B 109 2.43 -5.91 -23.40
N PHE B 110 1.44 -6.80 -23.57
CA PHE B 110 0.46 -6.56 -24.62
C PHE B 110 -0.45 -5.33 -24.33
N GLY B 111 -0.81 -5.18 -23.08
CA GLY B 111 -1.66 -4.10 -22.68
C GLY B 111 -0.98 -2.76 -22.88
N PHE B 112 0.22 -2.63 -22.43
CA PHE B 112 0.98 -1.41 -22.55
C PHE B 112 1.30 -1.14 -24.01
N HIS B 113 1.58 -2.13 -24.80
CA HIS B 113 1.85 -1.94 -26.25
C HIS B 113 0.61 -1.48 -26.96
N TYR B 114 -0.55 -2.05 -26.59
CA TYR B 114 -1.83 -1.57 -27.14
C TYR B 114 -2.07 -0.15 -26.74
N ALA B 115 -1.94 0.12 -25.46
CA ALA B 115 -2.21 1.46 -24.94
C ALA B 115 -1.31 2.48 -25.62
N HIS B 116 -0.04 2.19 -25.78
CA HIS B 116 0.91 3.06 -26.46
C HIS B 116 0.46 3.38 -27.90
N ARG B 117 -0.11 2.37 -28.60
CA ARG B 117 -0.48 2.58 -30.01
C ARG B 117 -1.84 3.23 -30.15
N HIS B 118 -2.71 3.10 -29.15
CA HIS B 118 -4.09 3.57 -29.18
C HIS B 118 -4.42 4.27 -27.87
N PRO B 119 -3.69 5.37 -27.54
CA PRO B 119 -3.85 5.94 -26.20
C PRO B 119 -5.20 6.51 -26.01
N GLU B 120 -5.85 6.95 -27.09
CA GLU B 120 -7.18 7.46 -27.00
C GLU B 120 -8.26 6.47 -26.55
N ARG B 121 -7.97 5.17 -26.54
CA ARG B 121 -8.91 4.15 -26.13
C ARG B 121 -8.78 3.82 -24.65
N ILE B 122 -7.82 4.46 -23.97
CA ILE B 122 -7.50 4.08 -22.60
C ILE B 122 -7.90 5.11 -21.58
N LYS B 123 -8.51 4.62 -20.50
CA LYS B 123 -8.87 5.45 -19.35
C LYS B 123 -7.92 5.34 -18.16
N GLY B 124 -7.31 4.17 -18.01
CA GLY B 124 -6.42 3.91 -16.89
C GLY B 124 -5.75 2.56 -17.06
N LEU B 125 -4.69 2.44 -16.28
CA LEU B 125 -3.77 1.28 -16.31
C LEU B 125 -3.41 0.85 -14.91
N ALA B 126 -3.82 -0.38 -14.59
CA ALA B 126 -3.51 -0.98 -13.30
C ALA B 126 -2.70 -2.25 -13.59
N PHE B 127 -1.61 -2.37 -12.86
CA PHE B 127 -0.67 -3.41 -13.21
C PHE B 127 0.07 -3.88 -11.99
N MET B 128 0.54 -5.13 -12.12
CA MET B 128 1.21 -5.77 -11.05
C MET B 128 2.12 -6.79 -11.68
N GLU B 129 3.31 -6.91 -11.10
CA GLU B 129 4.27 -7.90 -11.56
C GLU B 129 4.29 -7.89 -13.12
N ALA B 130 4.61 -6.68 -13.61
CA ALA B 130 4.43 -6.25 -15.00
C ALA B 130 5.79 -6.04 -15.63
N MET B 131 5.77 -5.90 -16.92
CA MET B 131 6.88 -5.67 -17.78
C MET B 131 7.04 -4.22 -18.06
N LEU B 132 7.85 -3.54 -17.30
CA LEU B 132 8.04 -2.11 -17.39
C LEU B 132 9.40 -1.82 -17.99
N ASN B 133 10.42 -1.44 -17.21
CA ASN B 133 11.76 -1.38 -17.82
C ASN B 133 12.24 -2.81 -18.12
N PRO B 134 12.84 -3.01 -19.30
CA PRO B 134 13.34 -4.33 -19.60
C PRO B 134 14.29 -4.88 -18.52
N ILE B 135 14.27 -6.20 -18.33
CA ILE B 135 15.17 -6.86 -17.37
C ILE B 135 16.59 -6.64 -17.87
N PRO B 136 17.47 -6.05 -17.04
CA PRO B 136 18.78 -5.67 -17.61
C PRO B 136 19.74 -6.82 -17.89
N GLY B 137 19.58 -7.96 -17.25
CA GLY B 137 20.44 -9.09 -17.53
C GLY B 137 20.06 -10.28 -16.71
N TYR B 138 20.72 -11.41 -16.97
CA TYR B 138 20.38 -12.68 -16.28
C TYR B 138 20.69 -12.62 -14.79
N ASP B 139 21.69 -11.83 -14.41
CA ASP B 139 21.97 -11.55 -13.01
C ASP B 139 20.88 -10.80 -12.23
N ALA B 140 19.80 -10.35 -12.86
CA ALA B 140 18.64 -9.86 -12.12
C ALA B 140 17.80 -10.97 -11.43
N PHE B 141 17.95 -12.21 -11.87
CA PHE B 141 17.21 -13.34 -11.25
C PHE B 141 18.06 -13.96 -10.16
N ASP B 142 17.41 -14.54 -9.15
CA ASP B 142 18.12 -15.44 -8.25
C ASP B 142 18.73 -16.61 -9.05
N PRO B 143 19.61 -17.37 -8.47
CA PRO B 143 20.29 -18.45 -9.22
C PRO B 143 19.33 -19.55 -9.74
N GLN B 144 18.32 -19.96 -8.96
CA GLN B 144 17.40 -21.01 -9.46
C GLN B 144 16.68 -20.55 -10.71
N THR B 145 16.10 -19.34 -10.61
CA THR B 145 15.32 -18.81 -11.72
C THR B 145 16.27 -18.50 -12.91
N ARG B 146 17.41 -17.92 -12.64
CA ARG B 146 18.37 -17.64 -13.68
C ARG B 146 18.71 -18.94 -14.42
N ALA B 147 19.01 -20.04 -13.70
CA ALA B 147 19.27 -21.35 -14.33
C ALA B 147 18.13 -21.81 -15.25
N PHE B 148 16.90 -21.69 -14.75
CA PHE B 148 15.69 -22.02 -15.52
C PHE B 148 15.65 -21.31 -16.89
N PHE B 149 15.77 -19.99 -16.82
CA PHE B 149 15.72 -19.20 -18.06
C PHE B 149 16.90 -19.44 -18.97
N GLN B 150 18.09 -19.50 -18.41
CA GLN B 150 19.28 -19.73 -19.20
C GLN B 150 19.19 -21.02 -19.98
N THR B 151 18.88 -22.10 -19.27
CA THR B 151 18.78 -23.43 -19.87
C THR B 151 17.67 -23.47 -20.92
N LEU B 152 16.50 -22.94 -20.60
CA LEU B 152 15.40 -22.95 -21.55
C LEU B 152 15.80 -22.19 -22.85
N ARG B 153 16.46 -21.06 -22.67
CA ARG B 153 16.83 -20.19 -23.79
C ARG B 153 18.06 -20.66 -24.58
N SER B 154 18.79 -21.64 -24.07
CA SER B 154 20.03 -22.09 -24.71
C SER B 154 19.76 -22.91 -25.97
N SER B 155 18.60 -23.56 -26.07
CA SER B 155 18.29 -24.34 -27.28
C SER B 155 16.83 -24.69 -27.38
N GLN B 156 16.34 -24.83 -28.61
CA GLN B 156 14.98 -25.33 -28.85
C GLN B 156 14.72 -26.67 -28.18
N ALA B 157 15.71 -27.57 -28.20
CA ALA B 157 15.52 -28.89 -27.57
C ALA B 157 15.30 -28.73 -26.07
N ASN B 158 16.08 -27.86 -25.45
CA ASN B 158 15.92 -27.62 -24.01
C ASN B 158 14.57 -26.98 -23.74
N ALA B 159 14.16 -26.01 -24.55
CA ALA B 159 12.88 -25.39 -24.34
C ALA B 159 11.70 -26.34 -24.49
N GLU B 160 11.80 -27.20 -25.51
CA GLU B 160 10.82 -28.26 -25.67
C GLU B 160 10.79 -29.27 -24.59
N ARG B 161 11.96 -29.75 -24.13
CA ARG B 161 11.95 -30.66 -23.00
C ARG B 161 11.21 -30.04 -21.82
N MET B 162 11.63 -28.83 -21.48
CA MET B 162 11.20 -28.20 -20.29
C MET B 162 9.72 -27.90 -20.33
N MET B 163 9.20 -27.41 -21.46
CA MET B 163 7.82 -27.08 -21.61
C MET B 163 6.88 -28.21 -22.07
N MET B 164 7.30 -28.97 -23.05
N MET B 164 7.27 -28.95 -23.11
CA MET B 164 6.47 -30.05 -23.62
CA MET B 164 6.46 -30.09 -23.59
C MET B 164 6.54 -31.32 -22.74
C MET B 164 6.54 -31.33 -22.69
N ASP B 165 7.74 -31.82 -22.39
CA ASP B 165 7.87 -33.11 -21.61
C ASP B 165 7.68 -32.88 -20.12
N GLU B 166 8.25 -31.81 -19.57
CA GLU B 166 8.26 -31.58 -18.09
C GLU B 166 7.17 -30.64 -17.64
N ASN B 167 6.59 -29.92 -18.58
CA ASN B 167 5.59 -28.90 -18.30
C ASN B 167 5.97 -27.97 -17.10
N GLN B 168 7.24 -27.61 -17.07
CA GLN B 168 7.81 -26.94 -15.91
C GLN B 168 7.18 -25.58 -15.56
N PHE B 169 6.64 -24.84 -16.54
CA PHE B 169 6.06 -23.55 -16.22
C PHE B 169 4.77 -23.70 -15.36
N VAL B 170 3.96 -24.71 -15.69
CA VAL B 170 2.76 -25.03 -14.94
C VAL B 170 3.12 -25.77 -13.65
N GLU B 171 3.98 -26.79 -13.74
CA GLU B 171 4.16 -27.69 -12.65
C GLU B 171 5.05 -27.15 -11.54
N ASN B 172 6.00 -26.30 -11.88
CA ASN B 172 7.07 -25.80 -11.01
C ASN B 172 7.02 -24.33 -10.81
N ILE B 173 7.12 -23.54 -11.87
CA ILE B 173 7.25 -22.08 -11.68
C ILE B 173 6.02 -21.48 -11.05
N LEU B 174 4.88 -21.86 -11.57
CA LEU B 174 3.62 -21.42 -11.03
C LEU B 174 3.48 -21.62 -9.51
N PRO B 175 3.61 -22.88 -9.02
CA PRO B 175 3.41 -22.98 -7.56
C PRO B 175 4.55 -22.37 -6.80
N ALA B 176 5.77 -22.39 -7.35
CA ALA B 176 6.91 -21.79 -6.68
C ALA B 176 6.77 -20.28 -6.47
N MET B 177 6.00 -19.61 -7.34
N MET B 177 6.01 -19.64 -7.36
CA MET B 177 5.86 -18.16 -7.29
CA MET B 177 5.85 -18.21 -7.32
C MET B 177 4.51 -17.73 -6.73
C MET B 177 4.49 -17.76 -6.76
N ILE B 178 3.89 -18.62 -5.98
CA ILE B 178 2.74 -18.31 -5.11
C ILE B 178 3.14 -18.73 -3.68
N CYS B 179 2.91 -17.87 -2.69
CA CYS B 179 3.34 -18.16 -1.33
C CYS B 179 2.48 -19.27 -0.74
N ARG B 180 1.16 -19.17 -0.89
CA ARG B 180 0.27 -20.18 -0.28
C ARG B 180 0.19 -21.43 -1.13
N PRO B 181 -0.21 -22.53 -0.55
CA PRO B 181 -0.33 -23.75 -1.36
C PRO B 181 -1.60 -23.72 -2.13
N LEU B 182 -1.55 -24.15 -3.38
CA LEU B 182 -2.75 -24.18 -4.22
C LEU B 182 -3.58 -25.39 -3.84
N GLU B 183 -4.90 -25.25 -3.85
CA GLU B 183 -5.79 -26.40 -3.67
C GLU B 183 -5.75 -27.26 -4.92
N ARG B 184 -6.08 -28.54 -4.83
CA ARG B 184 -5.90 -29.44 -6.01
C ARG B 184 -6.67 -28.96 -7.26
N GLN B 185 -7.89 -28.44 -7.05
CA GLN B 185 -8.71 -28.01 -8.18
C GLN B 185 -8.14 -26.75 -8.78
N GLU B 186 -7.42 -25.93 -8.02
CA GLU B 186 -6.76 -24.74 -8.55
C GLU B 186 -5.58 -25.09 -9.43
N LEU B 187 -4.72 -25.98 -8.98
CA LEU B 187 -3.64 -26.44 -9.82
C LEU B 187 -4.23 -27.14 -11.06
N ASP B 188 -5.27 -27.96 -10.88
CA ASP B 188 -5.87 -28.64 -12.06
C ASP B 188 -6.41 -27.64 -13.08
N ALA B 189 -6.92 -26.50 -12.61
CA ALA B 189 -7.38 -25.45 -13.53
C ALA B 189 -6.26 -24.91 -14.38
N TYR B 190 -5.05 -24.81 -13.82
CA TYR B 190 -3.92 -24.31 -14.53
C TYR B 190 -3.33 -25.39 -15.47
N ARG B 191 -3.45 -26.67 -15.07
CA ARG B 191 -3.06 -27.76 -15.92
C ARG B 191 -3.97 -27.93 -17.12
N ALA B 192 -5.26 -27.68 -16.93
CA ALA B 192 -6.30 -28.11 -17.86
C ALA B 192 -6.14 -27.63 -19.33
N PRO B 193 -5.63 -26.39 -19.56
CA PRO B 193 -5.38 -26.01 -20.96
C PRO B 193 -4.14 -26.63 -21.66
N TRP B 194 -3.38 -27.41 -20.93
CA TRP B 194 -2.03 -27.83 -21.31
C TRP B 194 -1.81 -29.32 -21.13
N THR B 195 -2.88 -30.10 -21.14
CA THR B 195 -2.78 -31.56 -20.93
C THR B 195 -2.20 -32.26 -22.15
N ASP B 196 -2.33 -31.65 -23.31
CA ASP B 196 -1.79 -32.18 -24.58
C ASP B 196 -0.33 -31.80 -24.79
N ARG B 197 0.54 -32.79 -24.92
CA ARG B 197 1.95 -32.57 -25.10
C ARG B 197 2.30 -31.68 -26.31
N GLN B 198 1.76 -31.99 -27.48
CA GLN B 198 2.07 -31.21 -28.66
C GLN B 198 1.65 -29.75 -28.48
N SER B 199 0.54 -29.54 -27.78
N SER B 199 0.52 -29.51 -27.82
CA SER B 199 0.05 -28.18 -27.59
CA SER B 199 0.07 -28.14 -27.60
C SER B 199 0.99 -27.36 -26.71
C SER B 199 1.06 -27.36 -26.75
N ARG B 200 1.69 -28.03 -25.79
CA ARG B 200 2.62 -27.35 -24.94
C ARG B 200 3.78 -26.69 -25.65
N ARG B 201 4.01 -26.98 -26.95
CA ARG B 201 5.01 -26.21 -27.71
C ARG B 201 4.80 -24.71 -27.58
N ILE B 202 3.51 -24.33 -27.46
CA ILE B 202 3.11 -22.95 -27.38
C ILE B 202 3.76 -22.26 -26.16
N LEU B 203 3.91 -23.02 -25.08
CA LEU B 203 4.49 -22.52 -23.85
C LEU B 203 5.97 -22.12 -23.95
N CYS B 204 6.61 -22.42 -25.08
CA CYS B 204 7.98 -22.06 -25.26
C CYS B 204 8.18 -20.60 -25.58
N THR B 205 7.23 -19.98 -26.29
N THR B 205 7.30 -19.98 -26.37
CA THR B 205 7.51 -18.71 -26.93
CA THR B 205 7.63 -18.69 -26.95
C THR B 205 7.74 -17.57 -25.93
C THR B 205 7.80 -17.58 -25.89
N PHE B 206 6.93 -17.52 -24.88
CA PHE B 206 7.03 -16.44 -23.89
C PHE B 206 8.38 -16.43 -23.18
N PRO B 207 8.85 -17.58 -22.64
CA PRO B 207 10.18 -17.51 -22.01
C PRO B 207 11.34 -17.38 -23.02
N GLN B 208 11.17 -17.78 -24.27
CA GLN B 208 12.15 -17.47 -25.29
C GLN B 208 12.20 -16.00 -25.69
N ASN B 209 11.12 -15.28 -25.46
CA ASN B 209 11.05 -13.90 -25.92
C ASN B 209 11.07 -12.87 -24.79
N LEU B 210 11.09 -13.29 -23.53
CA LEU B 210 11.22 -12.36 -22.37
C LEU B 210 12.44 -11.54 -22.58
N CYS B 211 12.31 -10.22 -22.45
CA CYS B 211 13.47 -9.40 -22.77
C CYS B 211 14.44 -9.41 -21.62
N ILE B 212 15.63 -9.91 -21.88
CA ILE B 212 16.66 -10.03 -20.89
C ILE B 212 17.94 -9.53 -21.56
N GLY B 213 18.53 -8.45 -21.01
CA GLY B 213 19.75 -7.87 -21.59
C GLY B 213 19.62 -7.53 -23.06
N LYS B 214 18.50 -6.92 -23.36
CA LYS B 214 18.16 -6.47 -24.72
C LYS B 214 17.89 -7.58 -25.76
N GLU B 215 17.76 -8.84 -25.31
CA GLU B 215 17.49 -9.95 -26.17
C GLU B 215 16.09 -10.49 -25.83
N PRO B 216 15.18 -10.66 -26.81
CA PRO B 216 15.35 -10.40 -28.23
C PRO B 216 15.10 -8.94 -28.57
N ALA B 217 15.62 -8.48 -29.68
CA ALA B 217 15.71 -7.12 -30.03
C ALA B 217 14.31 -6.53 -30.33
N SER B 218 13.43 -7.28 -30.97
CA SER B 218 12.07 -6.84 -31.27
C SER B 218 11.31 -6.47 -29.97
N VAL B 219 11.41 -7.32 -28.97
CA VAL B 219 10.70 -7.13 -27.74
C VAL B 219 11.35 -5.93 -27.00
N TYR B 220 12.68 -5.86 -26.98
CA TYR B 220 13.38 -4.72 -26.39
C TYR B 220 12.88 -3.41 -27.00
N ARG B 221 12.81 -3.31 -28.32
CA ARG B 221 12.33 -2.10 -29.01
C ARG B 221 10.92 -1.76 -28.58
N MET B 222 10.04 -2.74 -28.60
CA MET B 222 8.62 -2.41 -28.33
C MET B 222 8.44 -1.97 -26.86
N GLN B 223 9.14 -2.66 -25.97
CA GLN B 223 9.02 -2.38 -24.56
C GLN B 223 9.67 -1.03 -24.23
N THR B 224 10.84 -0.77 -24.77
CA THR B 224 11.49 0.49 -24.60
C THR B 224 10.58 1.62 -25.08
N ALA B 225 9.90 1.40 -26.21
CA ALA B 225 9.02 2.42 -26.74
C ALA B 225 7.80 2.66 -25.81
N TYR B 226 7.17 1.60 -25.32
CA TYR B 226 5.99 1.84 -24.45
C TYR B 226 6.38 2.39 -23.08
N ILE B 227 7.59 2.06 -22.59
CA ILE B 227 7.99 2.63 -21.30
C ILE B 227 8.29 4.11 -21.44
N GLU B 228 8.83 4.55 -22.58
CA GLU B 228 9.05 5.94 -22.82
C GLU B 228 7.68 6.64 -22.80
N TRP B 229 6.70 6.01 -23.42
CA TRP B 229 5.35 6.61 -23.53
C TRP B 229 4.73 6.64 -22.12
N LEU B 230 4.85 5.57 -21.35
CA LEU B 230 4.30 5.52 -19.98
C LEU B 230 4.87 6.66 -19.12
N GLY B 231 6.12 7.06 -19.37
CA GLY B 231 6.80 8.06 -18.63
C GLY B 231 6.31 9.45 -18.92
N GLN B 232 5.53 9.61 -20.00
CA GLN B 232 5.02 10.92 -20.41
C GLN B 232 3.52 11.04 -20.23
N THR B 233 2.77 9.96 -20.24
CA THR B 233 1.28 10.09 -20.26
C THR B 233 0.82 10.37 -18.83
N ASP B 234 -0.19 11.22 -18.71
CA ASP B 234 -0.86 11.49 -17.42
C ASP B 234 -1.99 10.57 -17.11
N LEU B 235 -2.23 9.52 -17.94
CA LEU B 235 -3.28 8.54 -17.63
C LEU B 235 -3.10 8.01 -16.23
N PRO B 236 -4.20 7.81 -15.49
CA PRO B 236 -4.10 7.17 -14.14
C PRO B 236 -3.41 5.86 -14.22
N LYS B 237 -2.44 5.59 -13.30
CA LYS B 237 -1.78 4.34 -13.22
C LYS B 237 -1.78 3.86 -11.77
N LEU B 238 -1.85 2.54 -11.61
CA LEU B 238 -1.84 1.97 -10.29
C LEU B 238 -0.87 0.80 -10.42
N LEU B 239 0.17 0.81 -9.58
CA LEU B 239 1.12 -0.32 -9.45
C LEU B 239 0.87 -1.00 -8.11
N ILE B 240 0.43 -2.25 -8.20
CA ILE B 240 0.12 -3.06 -7.03
C ILE B 240 1.33 -3.95 -6.89
N HIS B 241 1.82 -4.10 -5.70
CA HIS B 241 3.11 -4.79 -5.48
C HIS B 241 3.14 -5.56 -4.17
N ALA B 242 4.03 -6.55 -4.10
CA ALA B 242 4.06 -7.51 -3.00
C ALA B 242 5.48 -7.72 -2.62
N GLU B 243 5.67 -8.28 -1.45
CA GLU B 243 7.03 -8.50 -0.93
C GLU B 243 7.28 -9.99 -0.89
N PRO B 244 8.35 -10.50 -1.51
CA PRO B 244 9.42 -9.73 -2.13
C PRO B 244 9.15 -9.43 -3.57
N GLY B 245 8.07 -10.00 -4.13
CA GLY B 245 7.81 -9.78 -5.56
C GLY B 245 8.74 -10.56 -6.44
N PHE B 246 8.75 -10.30 -7.75
CA PHE B 246 9.63 -11.05 -8.68
C PHE B 246 10.08 -10.10 -9.82
N LEU B 247 9.18 -9.79 -10.77
CA LEU B 247 9.48 -8.82 -11.83
C LEU B 247 9.59 -7.41 -11.27
N ILE B 248 8.87 -7.10 -10.17
CA ILE B 248 8.91 -5.73 -9.61
C ILE B 248 9.25 -5.86 -8.10
N PRO B 249 10.53 -5.95 -7.78
CA PRO B 249 10.86 -5.99 -6.36
C PRO B 249 10.70 -4.61 -5.69
N ALA B 250 10.83 -4.57 -4.36
CA ALA B 250 10.61 -3.33 -3.64
C ALA B 250 11.34 -2.07 -4.15
N PRO B 251 12.66 -2.14 -4.42
CA PRO B 251 13.34 -0.85 -4.86
C PRO B 251 12.88 -0.33 -6.24
N ALA B 252 12.39 -1.25 -7.08
CA ALA B 252 11.86 -0.83 -8.37
C ALA B 252 10.55 -0.11 -8.16
N VAL B 253 9.77 -0.53 -7.19
CA VAL B 253 8.48 0.16 -6.97
C VAL B 253 8.73 1.63 -6.76
N ASP B 254 9.68 1.95 -5.93
CA ASP B 254 10.00 3.31 -5.57
C ASP B 254 10.43 4.14 -6.77
N GLN B 255 11.19 3.50 -7.66
CA GLN B 255 11.66 4.16 -8.87
C GLN B 255 10.48 4.54 -9.76
N TYR B 256 9.54 3.59 -9.91
CA TYR B 256 8.36 3.85 -10.75
C TYR B 256 7.44 4.94 -10.23
N ARG B 257 7.40 5.08 -8.88
CA ARG B 257 6.70 6.13 -8.16
C ARG B 257 7.08 7.50 -8.78
N GLN B 258 8.38 7.64 -9.06
CA GLN B 258 8.90 8.89 -9.62
C GLN B 258 8.98 8.94 -11.12
N GLN B 259 9.11 7.79 -11.74
CA GLN B 259 9.34 7.73 -13.20
C GLN B 259 8.06 7.93 -13.96
N LEU B 260 6.95 7.39 -13.45
CA LEU B 260 5.66 7.38 -14.20
C LEU B 260 4.68 8.37 -13.61
N PRO B 261 4.22 9.35 -14.39
CA PRO B 261 3.25 10.34 -13.90
C PRO B 261 1.95 9.72 -13.39
N ASN B 262 1.38 10.35 -12.36
CA ASN B 262 0.05 9.97 -11.86
C ASN B 262 0.00 8.50 -11.45
N LEU B 263 1.05 8.06 -10.80
CA LEU B 263 1.14 6.68 -10.37
C LEU B 263 0.79 6.55 -8.93
N GLU B 264 -0.21 5.72 -8.63
CA GLU B 264 -0.55 5.35 -7.24
C GLU B 264 0.09 3.98 -7.06
N THR B 265 0.44 3.69 -5.80
CA THR B 265 0.91 2.39 -5.46
C THR B 265 0.02 1.76 -4.43
N ALA B 266 -0.04 0.45 -4.44
CA ALA B 266 -0.73 -0.29 -3.37
C ALA B 266 0.05 -1.51 -3.02
N PHE B 267 0.44 -1.56 -1.77
CA PHE B 267 1.16 -2.69 -1.26
C PHE B 267 0.12 -3.71 -0.79
N VAL B 268 0.27 -5.00 -1.13
CA VAL B 268 -0.69 -6.00 -0.72
C VAL B 268 -0.12 -7.06 0.23
N GLY B 269 1.14 -6.88 0.63
CA GLY B 269 1.80 -7.82 1.53
C GLY B 269 2.52 -8.94 0.80
N SER B 270 2.50 -10.12 1.38
CA SER B 270 3.34 -11.22 0.91
C SER B 270 2.89 -11.74 -0.46
N GLY B 271 3.84 -11.83 -1.37
CA GLY B 271 3.68 -12.37 -2.69
C GLY B 271 4.96 -12.41 -3.46
N LEU B 272 4.94 -13.23 -4.52
CA LEU B 272 6.09 -13.41 -5.41
C LEU B 272 5.71 -12.94 -6.81
N HIS B 273 5.30 -13.85 -7.70
CA HIS B 273 4.88 -13.43 -9.02
C HIS B 273 3.38 -13.47 -9.27
N TYR B 274 2.72 -14.60 -9.02
CA TYR B 274 1.29 -14.76 -9.27
C TYR B 274 0.52 -14.26 -8.06
N ILE B 275 0.61 -12.94 -7.87
CA ILE B 275 0.14 -12.37 -6.61
C ILE B 275 -1.38 -12.46 -6.39
N GLN B 276 -2.09 -12.62 -7.52
CA GLN B 276 -3.51 -12.83 -7.49
C GLN B 276 -3.91 -14.02 -6.65
N GLU B 277 -3.02 -14.98 -6.59
CA GLU B 277 -3.34 -16.17 -5.81
C GLU B 277 -3.09 -16.00 -4.31
N ASP B 278 -2.28 -15.02 -3.95
CA ASP B 278 -1.97 -14.73 -2.54
C ASP B 278 -2.87 -13.65 -1.96
N GLN B 279 -3.18 -12.59 -2.69
CA GLN B 279 -3.91 -11.44 -2.12
C GLN B 279 -4.98 -10.95 -3.05
N PRO B 280 -5.87 -11.83 -3.52
CA PRO B 280 -6.87 -11.33 -4.47
C PRO B 280 -7.81 -10.30 -3.96
N GLN B 281 -8.28 -10.41 -2.73
CA GLN B 281 -9.22 -9.41 -2.21
C GLN B 281 -8.55 -8.07 -2.11
N LYS B 282 -7.37 -8.03 -1.55
CA LYS B 282 -6.62 -6.78 -1.41
C LYS B 282 -6.30 -6.18 -2.77
N ILE B 283 -5.97 -7.03 -3.73
CA ILE B 283 -5.74 -6.52 -5.10
C ILE B 283 -6.98 -5.85 -5.69
N GLY B 284 -8.11 -6.58 -5.61
CA GLY B 284 -9.35 -6.05 -6.08
C GLY B 284 -9.73 -4.76 -5.37
N GLN B 285 -9.59 -4.73 -4.06
CA GLN B 285 -9.97 -3.56 -3.30
C GLN B 285 -9.07 -2.38 -3.64
N ALA B 286 -7.78 -2.67 -3.87
CA ALA B 286 -6.89 -1.58 -4.28
C ALA B 286 -7.28 -0.94 -5.59
N ILE B 287 -7.69 -1.78 -6.56
CA ILE B 287 -8.16 -1.29 -7.83
C ILE B 287 -9.43 -0.52 -7.59
N ALA B 288 -10.36 -1.05 -6.81
CA ALA B 288 -11.63 -0.35 -6.59
C ALA B 288 -11.40 1.03 -5.99
N GLN B 289 -10.56 1.15 -4.97
CA GLN B 289 -10.35 2.42 -4.32
C GLN B 289 -9.70 3.42 -5.30
N TRP B 290 -8.76 2.97 -6.11
CA TRP B 290 -8.08 3.80 -7.05
C TRP B 290 -9.05 4.27 -8.15
N MET B 291 -9.92 3.37 -8.62
CA MET B 291 -10.93 3.80 -9.65
C MET B 291 -11.86 4.88 -9.12
N ASP B 292 -12.29 4.70 -7.87
CA ASP B 292 -13.11 5.73 -7.17
C ASP B 292 -12.38 7.06 -7.01
N ARG B 293 -11.11 6.99 -6.64
CA ARG B 293 -10.29 8.20 -6.49
C ARG B 293 -10.12 8.94 -7.77
N CYS B 294 -9.96 8.15 -8.84
CA CYS B 294 -9.64 8.64 -10.17
C CYS B 294 -10.91 9.01 -10.96
N GLY B 295 -12.09 8.85 -10.33
CA GLY B 295 -13.39 9.02 -10.99
C GLY B 295 -13.64 8.10 -12.18
N LEU B 296 -13.04 6.92 -12.13
CA LEU B 296 -13.24 5.89 -13.18
C LEU B 296 -14.65 5.22 -13.08
C ACT C . 0.37 4.96 24.00
O ACT C . -0.65 5.59 23.61
OXT ACT C . 0.44 4.54 25.18
CH3 ACT C . 1.52 4.67 23.07
C ACT D . -3.64 0.36 -0.33
O ACT D . -2.78 1.20 -0.63
OXT ACT D . -3.44 -0.53 0.55
CH3 ACT D . -4.94 0.47 -1.08
NA NA E . 3.16 28.10 30.05
NA NA F . -3.36 -5.24 18.70
C ACT G . 7.63 -14.80 -17.02
O ACT G . 8.51 -15.53 -17.51
OXT ACT G . 7.11 -13.94 -17.76
CH3 ACT G . 7.19 -15.01 -15.59
NA NA H . 12.97 -16.35 -8.26
NA NA I . 5.32 10.10 -10.58
NA NA I . 3.83 9.59 -10.03
NA NA J . -7.77 -0.98 -31.96
NA NA K . 3.83 7.61 -6.80
NA NA L . 0.30 3.42 -0.52
NA NA M . -7.06 -18.21 -36.36
#